data_6FIB
#
_entry.id   6FIB
#
_cell.length_a   119.592
_cell.length_b   119.592
_cell.length_c   104.350
_cell.angle_alpha   90.00
_cell.angle_beta   90.00
_cell.angle_gamma   120.00
#
_symmetry.space_group_name_H-M   'P 62'
#
loop_
_entity.id
_entity.type
_entity.pdbx_description
1 polymer 'Tumor necrosis factor ligand superfamily member 9'
2 polymer 'Tumor necrosis factor ligand superfamily member 9,4-1BBL -CH/CL fusion'
3 polymer 'Tumor necrosis factor ligand superfamily member 9,Uncharacterized protein'
4 water water
#
loop_
_entity_poly.entity_id
_entity_poly.type
_entity_poly.pdbx_seq_one_letter_code
_entity_poly.pdbx_strand_id
1 'polypeptide(L)'
;REGPELSPDDPAGLLDLRQGMFAQLVAQNVLLIDGPLSWYSDPGLAGVSLTGGLSYKEDTKELVVAKAGVYYVFFQLELR
RVVAGEGSGSVSLALHLQPLRSAAGAAALALTVDLPPASSEARNSAFGFQGRLLHLSAGQRLGVHLHTEARARHAWQLTQ
GATVLGLFRVTPEIPAGLGGGGSGGGGS
;
A
2 'polypeptide(L)'
;REGPELSPDDPAGLLDLRQGMFAQLVAQNVLLIDGPLSWYSDPGLAGVSLTGGLSYKEDTKELVVAKAGVYYVFFQLELR
RVVAGEGSGSVSLALHLQPLRSAAGAAALALTVDLPPASSEARNSAFGFQGRLLHLSAGQRLGVHLHTEARARHAWQLTQ
GATVLGLFRVTPEIPAGLGGGGSGGGGSRTVAAPSVFIFPPSDRKLKSGTASVVCLLNNFYPREAKVQWKVDNALQSGNS
QESVTEQDSKDSTYSLSSTLTLSKADYEKHKVYACEVTHQGLSSPVTKSFNRGECDKTHTCPPCPAPELLG
;
B
3 'polypeptide(L)'
;RREGPELSPDDPAGLLDLRQGMFAQLVAQNVLLIDGPLSWYSDPGLAGVSLTGGLSYKEDTKELVVAKAGVYYVFFQLEL
RRVVAGEGSGSVSLALHLQPLRSAAGAAALALTVDLPPASSEARNSAFGFQGRLLHLSAGQRLGVHLHTEARARHAWQLT
QGATVLGLFRVTPEIPAGLGGGGSGGGGSASTKGPSVFPLAPSSKSTSGGTAALGCLVEDYFPEPVTVSWNSGALTSGVH
TFPAVLQSSGLYSLSSVVTVPSSSLGTQTYICNVNHKPSNTKVDEKVEPKSC
;
C
#
# COMPACT_ATOMS: atom_id res chain seq x y z
N MET A 21 0.90 7.15 -20.97
CA MET A 21 0.82 5.69 -20.82
C MET A 21 0.50 5.23 -19.40
N PHE A 22 -0.81 5.13 -19.09
CA PHE A 22 -1.37 4.70 -17.80
C PHE A 22 -2.73 4.01 -17.97
N ALA A 23 -3.19 3.28 -16.95
CA ALA A 23 -4.48 2.57 -16.95
C ALA A 23 -4.92 2.27 -15.53
N GLN A 24 -6.23 2.26 -15.25
CA GLN A 24 -6.78 1.95 -13.92
C GLN A 24 -8.18 1.36 -14.00
N LEU A 25 -8.33 0.09 -13.63
CA LEU A 25 -9.63 -0.58 -13.68
C LEU A 25 -10.23 -0.75 -12.30
N VAL A 26 -11.55 -0.76 -12.22
CA VAL A 26 -12.29 -0.98 -10.99
C VAL A 26 -13.06 -2.27 -11.21
N ALA A 27 -12.94 -3.24 -10.27
CA ALA A 27 -13.65 -4.52 -10.43
C ALA A 27 -15.12 -4.42 -10.14
N GLN A 28 -15.91 -5.17 -10.95
CA GLN A 28 -17.35 -5.30 -10.91
C GLN A 28 -17.78 -6.19 -9.76
N ASN A 29 -17.04 -7.30 -9.54
CA ASN A 29 -17.33 -8.31 -8.54
C ASN A 29 -17.53 -7.81 -7.13
N VAL A 30 -18.64 -8.28 -6.51
CA VAL A 30 -18.96 -8.04 -5.11
C VAL A 30 -18.86 -9.37 -4.38
N LEU A 31 -19.65 -10.38 -4.80
CA LEU A 31 -19.64 -11.73 -4.21
C LEU A 31 -18.33 -12.46 -4.41
N LEU A 32 -17.79 -13.05 -3.31
CA LEU A 32 -16.56 -13.85 -3.27
C LEU A 32 -16.71 -15.22 -3.94
N ILE A 33 -16.30 -15.29 -5.20
CA ILE A 33 -16.29 -16.52 -5.97
C ILE A 33 -14.85 -16.69 -6.35
N ASP A 34 -14.45 -17.92 -6.58
CA ASP A 34 -13.08 -18.16 -7.02
C ASP A 34 -13.12 -17.92 -8.52
N GLY A 35 -12.08 -17.30 -9.06
CA GLY A 35 -12.03 -17.03 -10.48
C GLY A 35 -11.51 -15.69 -10.95
N PRO A 36 -11.56 -15.42 -12.27
CA PRO A 36 -11.01 -14.17 -12.78
C PRO A 36 -11.96 -13.01 -12.57
N LEU A 37 -11.43 -11.88 -12.05
CA LEU A 37 -12.20 -10.67 -11.79
C LEU A 37 -12.56 -9.97 -13.08
N SER A 38 -13.77 -9.38 -13.13
CA SER A 38 -14.36 -8.62 -14.24
C SER A 38 -14.25 -7.12 -13.89
N TRP A 39 -13.68 -6.33 -14.81
CA TRP A 39 -13.33 -4.92 -14.62
C TRP A 39 -14.06 -3.93 -15.48
N TYR A 40 -13.96 -2.67 -15.08
CA TYR A 40 -14.46 -1.52 -15.84
C TYR A 40 -13.48 -0.38 -15.67
N SER A 41 -13.24 0.41 -16.72
CA SER A 41 -12.30 1.53 -16.58
C SER A 41 -12.74 2.50 -15.46
N ASP A 42 -11.78 3.02 -14.66
CA ASP A 42 -12.08 3.95 -13.56
C ASP A 42 -12.86 5.11 -14.14
N PRO A 43 -14.13 5.29 -13.68
CA PRO A 43 -14.93 6.40 -14.17
C PRO A 43 -14.26 7.75 -13.93
N GLY A 44 -13.66 7.93 -12.75
CA GLY A 44 -12.97 9.17 -12.37
C GLY A 44 -11.63 9.38 -13.05
N LEU A 45 -11.56 8.93 -14.30
CA LEU A 45 -10.43 8.95 -15.22
C LEU A 45 -11.01 8.97 -16.66
N ALA A 46 -12.31 9.36 -16.75
CA ALA A 46 -13.09 9.49 -17.97
C ALA A 46 -12.51 10.61 -18.83
N GLY A 47 -12.27 11.78 -18.22
CA GLY A 47 -11.71 12.98 -18.84
C GLY A 47 -10.48 12.74 -19.71
N VAL A 48 -9.67 11.73 -19.33
CA VAL A 48 -8.46 11.33 -20.07
C VAL A 48 -8.78 10.14 -20.98
N SER A 49 -9.05 10.47 -22.26
CA SER A 49 -9.40 9.53 -23.32
C SER A 49 -8.24 8.58 -23.68
N LEU A 50 -7.26 9.08 -24.48
CA LEU A 50 -6.09 8.30 -24.90
C LEU A 50 -5.11 8.20 -23.74
N THR A 51 -5.43 7.25 -22.85
CA THR A 51 -4.67 6.87 -21.67
C THR A 51 -3.33 6.29 -22.17
N GLY A 52 -3.47 5.51 -23.23
CA GLY A 52 -2.48 4.78 -24.00
C GLY A 52 -3.26 3.68 -24.69
N GLY A 53 -2.62 2.94 -25.59
CA GLY A 53 -3.28 1.84 -26.28
C GLY A 53 -3.62 0.66 -25.38
N LEU A 54 -3.59 0.86 -24.05
CA LEU A 54 -3.89 -0.15 -23.04
C LEU A 54 -5.38 -0.39 -22.97
N SER A 55 -5.87 -1.26 -23.87
CA SER A 55 -7.28 -1.62 -23.99
C SER A 55 -7.64 -2.83 -23.16
N TYR A 56 -8.91 -2.89 -22.74
CA TYR A 56 -9.46 -3.98 -21.94
C TYR A 56 -10.38 -4.88 -22.80
N LYS A 57 -10.12 -6.21 -22.76
CA LYS A 57 -10.93 -7.21 -23.45
C LYS A 57 -11.92 -7.79 -22.44
N GLU A 58 -13.23 -7.79 -22.76
CA GLU A 58 -14.29 -8.27 -21.86
C GLU A 58 -14.47 -9.80 -21.91
N ASP A 59 -14.28 -10.41 -23.11
CA ASP A 59 -14.37 -11.87 -23.37
C ASP A 59 -13.45 -12.64 -22.44
N THR A 60 -12.12 -12.37 -22.51
CA THR A 60 -11.09 -12.82 -21.56
C THR A 60 -11.16 -11.68 -20.55
N LYS A 61 -11.16 -11.90 -19.24
CA LYS A 61 -11.30 -10.72 -18.37
C LYS A 61 -9.93 -10.01 -18.18
N GLU A 62 -9.24 -9.70 -19.31
CA GLU A 62 -7.88 -9.16 -19.33
C GLU A 62 -7.71 -7.78 -19.94
N LEU A 63 -6.66 -7.09 -19.47
CA LEU A 63 -6.17 -5.79 -19.92
C LEU A 63 -4.92 -6.06 -20.79
N VAL A 64 -4.90 -5.50 -22.03
CA VAL A 64 -3.80 -5.76 -22.95
C VAL A 64 -2.86 -4.54 -23.04
N VAL A 65 -1.58 -4.77 -22.71
CA VAL A 65 -0.49 -3.78 -22.74
C VAL A 65 -0.21 -3.42 -24.19
N ALA A 66 -0.20 -2.12 -24.50
CA ALA A 66 0.03 -1.61 -25.84
C ALA A 66 1.50 -1.57 -26.16
N LYS A 67 2.21 -0.67 -25.45
CA LYS A 67 3.62 -0.43 -25.60
C LYS A 67 4.39 -1.07 -24.45
N ALA A 68 5.49 -1.76 -24.79
CA ALA A 68 6.34 -2.48 -23.85
C ALA A 68 7.06 -1.49 -22.94
N GLY A 69 7.56 -1.98 -21.80
CA GLY A 69 8.28 -1.15 -20.86
C GLY A 69 8.10 -1.51 -19.40
N VAL A 70 8.81 -0.77 -18.52
CA VAL A 70 8.79 -0.96 -17.08
C VAL A 70 7.68 -0.06 -16.53
N TYR A 71 6.68 -0.69 -15.91
CA TYR A 71 5.47 -0.08 -15.38
C TYR A 71 5.34 -0.29 -13.89
N TYR A 72 4.85 0.73 -13.17
CA TYR A 72 4.54 0.53 -11.78
C TYR A 72 3.07 0.06 -11.80
N VAL A 73 2.90 -1.22 -11.47
CA VAL A 73 1.63 -1.93 -11.43
C VAL A 73 1.25 -2.10 -9.97
N PHE A 74 -0.01 -1.82 -9.64
CA PHE A 74 -0.51 -1.91 -8.27
C PHE A 74 -1.92 -2.39 -8.23
N PHE A 75 -2.28 -3.08 -7.14
CA PHE A 75 -3.66 -3.48 -6.93
C PHE A 75 -4.08 -3.35 -5.46
N GLN A 76 -5.39 -3.27 -5.27
CA GLN A 76 -6.03 -2.98 -4.01
C GLN A 76 -7.21 -3.88 -3.77
N LEU A 77 -7.44 -4.18 -2.51
CA LEU A 77 -8.55 -5.03 -2.14
C LEU A 77 -9.29 -4.43 -0.94
N GLU A 78 -10.60 -4.59 -0.84
CA GLU A 78 -11.31 -4.13 0.35
C GLU A 78 -12.53 -4.95 0.59
N LEU A 79 -12.50 -5.70 1.68
CA LEU A 79 -13.57 -6.59 2.05
C LEU A 79 -14.31 -6.12 3.27
N ARG A 80 -15.59 -6.51 3.33
CA ARG A 80 -16.47 -6.13 4.43
C ARG A 80 -17.27 -7.32 4.92
N ARG A 81 -17.51 -7.39 6.24
CA ARG A 81 -18.32 -8.46 6.79
C ARG A 81 -19.78 -8.03 6.72
N VAL A 82 -20.54 -8.66 5.82
CA VAL A 82 -21.96 -8.39 5.58
C VAL A 82 -22.89 -9.18 6.52
N VAL A 83 -22.55 -10.46 6.83
CA VAL A 83 -23.29 -11.26 7.81
C VAL A 83 -22.58 -11.19 9.16
N ALA A 84 -23.22 -10.52 10.12
CA ALA A 84 -22.67 -10.32 11.46
C ALA A 84 -22.48 -11.65 12.17
N GLY A 85 -21.32 -11.79 12.79
CA GLY A 85 -20.99 -12.99 13.55
C GLY A 85 -20.56 -14.20 12.75
N GLU A 86 -20.37 -14.02 11.44
CA GLU A 86 -19.99 -15.15 10.61
C GLU A 86 -18.74 -14.84 9.84
N GLY A 87 -18.21 -15.85 9.17
CA GLY A 87 -17.08 -15.75 8.26
C GLY A 87 -15.72 -15.54 8.86
N SER A 88 -14.76 -16.32 8.38
CA SER A 88 -13.34 -16.33 8.74
C SER A 88 -12.61 -17.02 7.59
N GLY A 89 -11.34 -16.71 7.41
CA GLY A 89 -10.58 -17.30 6.33
C GLY A 89 -9.64 -16.31 5.69
N SER A 90 -9.22 -16.57 4.44
CA SER A 90 -8.31 -15.72 3.69
C SER A 90 -8.86 -15.49 2.32
N VAL A 91 -8.39 -14.43 1.67
CA VAL A 91 -8.79 -14.06 0.32
C VAL A 91 -7.53 -13.60 -0.40
N SER A 92 -7.18 -14.31 -1.48
CA SER A 92 -6.04 -13.97 -2.33
C SER A 92 -6.46 -13.20 -3.64
N LEU A 93 -5.52 -12.42 -4.21
CA LEU A 93 -5.62 -11.73 -5.50
C LEU A 93 -4.31 -12.09 -6.23
N ALA A 94 -4.40 -12.52 -7.49
CA ALA A 94 -3.17 -12.86 -8.23
C ALA A 94 -3.14 -12.20 -9.59
N LEU A 95 -2.12 -11.36 -9.87
CA LEU A 95 -2.04 -10.76 -11.18
C LEU A 95 -1.24 -11.69 -12.06
N HIS A 96 -1.85 -12.23 -13.10
CA HIS A 96 -1.19 -13.13 -14.02
C HIS A 96 -0.92 -12.44 -15.34
N LEU A 97 0.35 -12.51 -15.82
CA LEU A 97 0.70 -11.94 -17.13
C LEU A 97 0.73 -13.07 -18.15
N GLN A 98 -0.03 -12.93 -19.24
CA GLN A 98 -0.06 -13.94 -20.28
C GLN A 98 0.30 -13.36 -21.64
N PRO A 99 1.27 -13.95 -22.35
CA PRO A 99 2.09 -15.12 -21.99
C PRO A 99 3.16 -14.77 -20.95
N LEU A 100 3.85 -15.80 -20.38
CA LEU A 100 4.89 -15.67 -19.35
C LEU A 100 6.18 -15.06 -19.87
N ALA A 106 4.21 -15.62 -14.48
CA ALA A 106 3.31 -16.38 -13.60
C ALA A 106 2.52 -15.38 -12.75
N ALA A 107 2.44 -15.55 -11.37
CA ALA A 107 1.68 -14.62 -10.51
C ALA A 107 2.49 -13.41 -10.05
N ALA A 108 2.51 -12.37 -10.93
CA ALA A 108 3.25 -11.12 -10.88
C ALA A 108 3.07 -10.32 -9.59
N LEU A 109 1.85 -10.30 -9.08
CA LEU A 109 1.50 -9.62 -7.85
C LEU A 109 0.62 -10.57 -7.07
N ALA A 110 0.83 -10.64 -5.77
CA ALA A 110 -0.01 -11.49 -4.93
C ALA A 110 -0.32 -10.83 -3.60
N LEU A 111 -1.62 -10.73 -3.28
CA LEU A 111 -2.15 -10.22 -2.01
C LEU A 111 -2.92 -11.32 -1.33
N THR A 112 -2.71 -11.53 -0.03
CA THR A 112 -3.48 -12.56 0.68
C THR A 112 -3.94 -11.90 1.96
N VAL A 113 -5.27 -11.61 2.05
CA VAL A 113 -5.94 -10.86 3.12
C VAL A 113 -6.69 -11.74 4.11
N ASP A 114 -6.48 -11.52 5.45
CA ASP A 114 -7.18 -12.30 6.48
C ASP A 114 -8.57 -11.71 6.74
N LEU A 115 -9.58 -12.58 6.70
CA LEU A 115 -10.94 -12.23 7.04
C LEU A 115 -11.03 -12.70 8.53
N PRO A 116 -10.85 -11.78 9.51
CA PRO A 116 -10.80 -12.23 10.91
C PRO A 116 -12.06 -12.92 11.35
N PRO A 117 -11.98 -13.88 12.28
CA PRO A 117 -13.22 -14.50 12.77
C PRO A 117 -14.06 -13.48 13.50
N ALA A 118 -15.34 -13.76 13.57
CA ALA A 118 -16.23 -12.83 14.22
C ALA A 118 -16.10 -12.97 15.72
N SER A 119 -15.97 -11.83 16.40
CA SER A 119 -15.83 -11.77 17.85
C SER A 119 -16.42 -10.46 18.39
N SER A 120 -16.47 -10.34 19.75
CA SER A 120 -16.95 -9.15 20.48
C SER A 120 -16.09 -7.93 20.12
N GLU A 121 -14.75 -8.13 20.02
CA GLU A 121 -13.73 -7.16 19.61
C GLU A 121 -13.77 -7.15 18.08
N ALA A 122 -14.97 -6.84 17.55
CA ALA A 122 -15.38 -6.89 16.16
C ALA A 122 -14.52 -6.09 15.14
N ARG A 123 -13.54 -6.78 14.48
CA ARG A 123 -12.73 -6.26 13.36
C ARG A 123 -13.58 -6.68 12.16
N ASN A 124 -14.29 -5.76 11.48
CA ASN A 124 -15.22 -6.20 10.43
C ASN A 124 -14.91 -5.73 8.99
N SER A 125 -13.64 -5.41 8.70
CA SER A 125 -13.16 -4.94 7.39
C SER A 125 -11.70 -5.34 7.14
N ALA A 126 -11.33 -5.63 5.88
CA ALA A 126 -9.95 -6.01 5.55
C ALA A 126 -9.44 -5.32 4.29
N PHE A 127 -8.23 -4.75 4.34
CA PHE A 127 -7.64 -4.07 3.21
C PHE A 127 -6.38 -4.78 2.71
N GLY A 128 -6.14 -4.66 1.40
CA GLY A 128 -4.96 -5.19 0.74
C GLY A 128 -4.37 -4.20 -0.25
N PHE A 129 -3.05 -3.99 -0.19
CA PHE A 129 -2.34 -3.14 -1.14
C PHE A 129 -1.02 -3.75 -1.53
N GLN A 130 -0.74 -3.78 -2.84
CA GLN A 130 0.56 -4.21 -3.36
C GLN A 130 0.86 -3.47 -4.65
N GLY A 131 2.15 -3.20 -4.86
CA GLY A 131 2.63 -2.50 -6.04
C GLY A 131 4.10 -2.77 -6.27
N ARG A 132 4.48 -3.03 -7.54
CA ARG A 132 5.87 -3.23 -7.90
C ARG A 132 6.15 -2.95 -9.37
N LEU A 133 7.41 -2.59 -9.68
CA LEU A 133 7.85 -2.35 -11.05
C LEU A 133 7.84 -3.70 -11.80
N LEU A 134 7.10 -3.72 -12.90
CA LEU A 134 6.98 -4.93 -13.70
C LEU A 134 7.45 -4.68 -15.09
N HIS A 135 8.15 -5.64 -15.67
CA HIS A 135 8.53 -5.44 -17.05
C HIS A 135 7.45 -6.07 -17.92
N LEU A 136 6.71 -5.21 -18.62
CA LEU A 136 5.61 -5.64 -19.49
C LEU A 136 6.01 -5.51 -20.94
N SER A 137 5.53 -6.45 -21.76
CA SER A 137 5.83 -6.53 -23.19
C SER A 137 4.64 -6.07 -24.02
N ALA A 138 4.89 -5.71 -25.29
CA ALA A 138 3.83 -5.28 -26.20
C ALA A 138 2.86 -6.44 -26.38
N GLY A 139 1.58 -6.16 -26.23
CA GLY A 139 0.51 -7.14 -26.36
C GLY A 139 0.36 -8.15 -25.24
N GLN A 140 0.97 -7.88 -24.08
CA GLN A 140 0.85 -8.81 -22.96
C GLN A 140 -0.50 -8.61 -22.31
N ARG A 141 -1.11 -9.71 -21.80
CA ARG A 141 -2.42 -9.65 -21.16
C ARG A 141 -2.38 -9.82 -19.61
N LEU A 142 -2.72 -8.75 -18.88
CA LEU A 142 -2.79 -8.69 -17.42
C LEU A 142 -4.17 -9.11 -16.96
N GLY A 143 -4.23 -10.16 -16.15
CA GLY A 143 -5.48 -10.65 -15.59
C GLY A 143 -5.40 -10.80 -14.09
N VAL A 144 -6.53 -10.64 -13.37
CA VAL A 144 -6.54 -10.78 -11.90
C VAL A 144 -7.49 -11.91 -11.46
N HIS A 145 -6.97 -12.84 -10.66
CA HIS A 145 -7.68 -13.98 -10.13
C HIS A 145 -7.93 -13.86 -8.67
N LEU A 146 -9.17 -14.11 -8.27
CA LEU A 146 -9.59 -14.08 -6.88
C LEU A 146 -9.80 -15.48 -6.34
N HIS A 147 -9.03 -15.88 -5.33
CA HIS A 147 -9.19 -17.18 -4.72
C HIS A 147 -9.59 -17.01 -3.27
N THR A 148 -10.57 -17.83 -2.82
CA THR A 148 -11.14 -17.78 -1.48
C THR A 148 -11.06 -19.12 -0.73
N GLU A 149 -10.54 -19.06 0.50
CA GLU A 149 -10.41 -20.19 1.39
C GLU A 149 -11.11 -19.79 2.68
N ALA A 150 -12.44 -19.93 2.73
CA ALA A 150 -13.14 -19.44 3.90
C ALA A 150 -14.30 -20.27 4.36
N ARG A 151 -14.62 -20.14 5.65
CA ARG A 151 -15.78 -20.70 6.31
C ARG A 151 -16.78 -19.57 6.26
N ALA A 152 -18.08 -19.89 6.00
CA ALA A 152 -19.19 -18.94 5.82
C ALA A 152 -18.78 -17.79 4.87
N ARG A 153 -18.19 -18.18 3.73
CA ARG A 153 -17.67 -17.36 2.64
C ARG A 153 -18.58 -16.19 2.26
N HIS A 154 -19.91 -16.41 2.26
CA HIS A 154 -20.94 -15.39 1.94
C HIS A 154 -21.04 -14.21 2.91
N ALA A 155 -20.46 -14.35 4.12
CA ALA A 155 -20.42 -13.33 5.17
C ALA A 155 -19.42 -12.22 4.87
N TRP A 156 -18.39 -12.48 4.03
CA TRP A 156 -17.43 -11.47 3.58
C TRP A 156 -17.71 -11.16 2.12
N GLN A 157 -17.35 -9.95 1.65
CA GLN A 157 -17.69 -9.47 0.30
C GLN A 157 -16.78 -8.34 -0.14
N LEU A 158 -16.50 -8.24 -1.47
CA LEU A 158 -15.67 -7.13 -1.96
C LEU A 158 -16.51 -5.87 -1.95
N THR A 159 -15.96 -4.77 -1.42
CA THR A 159 -16.63 -3.49 -1.38
C THR A 159 -16.61 -2.93 -2.80
N GLN A 160 -17.79 -2.65 -3.38
CA GLN A 160 -17.86 -2.15 -4.75
C GLN A 160 -17.15 -0.80 -4.89
N GLY A 161 -16.30 -0.72 -5.90
CA GLY A 161 -15.49 0.45 -6.19
C GLY A 161 -14.16 0.51 -5.47
N ALA A 162 -13.90 -0.49 -4.61
CA ALA A 162 -12.68 -0.51 -3.81
C ALA A 162 -11.60 -1.47 -4.29
N THR A 163 -11.91 -2.46 -5.21
CA THR A 163 -10.93 -3.38 -5.84
C THR A 163 -10.40 -2.71 -7.10
N VAL A 164 -9.11 -2.37 -7.10
CA VAL A 164 -8.54 -1.60 -8.20
C VAL A 164 -7.23 -2.22 -8.76
N LEU A 165 -6.98 -2.03 -10.06
CA LEU A 165 -5.74 -2.40 -10.75
C LEU A 165 -5.26 -1.14 -11.48
N GLY A 166 -4.02 -0.78 -11.23
CA GLY A 166 -3.41 0.42 -11.79
C GLY A 166 -2.08 0.16 -12.46
N LEU A 167 -1.75 1.01 -13.41
CA LEU A 167 -0.54 0.93 -14.23
C LEU A 167 -0.09 2.33 -14.60
N PHE A 168 1.20 2.42 -14.91
CA PHE A 168 1.81 3.62 -15.46
C PHE A 168 3.25 3.32 -15.83
N ARG A 169 3.62 3.67 -17.08
CA ARG A 169 4.96 3.46 -17.60
C ARG A 169 5.93 4.29 -16.78
N VAL A 170 7.17 3.84 -16.68
CA VAL A 170 8.22 4.55 -15.94
C VAL A 170 9.31 4.90 -16.95
N THR A 171 9.48 4.04 -17.98
CA THR A 171 10.47 4.16 -19.05
C THR A 171 10.01 5.00 -20.25
N MET B 21 15.22 6.71 -14.69
CA MET B 21 16.03 6.12 -13.63
C MET B 21 15.17 5.42 -12.61
N PHE B 22 15.37 4.11 -12.46
CA PHE B 22 14.62 3.26 -11.52
C PHE B 22 15.45 2.02 -11.15
N ALA B 23 15.01 1.28 -10.12
CA ALA B 23 15.65 0.04 -9.67
C ALA B 23 14.71 -0.70 -8.79
N GLN B 24 14.83 -2.03 -8.80
CA GLN B 24 14.04 -2.93 -7.97
C GLN B 24 14.93 -4.08 -7.56
N LEU B 25 15.04 -4.25 -6.23
CA LEU B 25 15.85 -5.25 -5.59
C LEU B 25 14.98 -6.17 -4.73
N VAL B 26 15.39 -7.43 -4.65
CA VAL B 26 14.76 -8.51 -3.91
C VAL B 26 15.74 -9.00 -2.87
N ALA B 27 15.30 -9.10 -1.62
CA ALA B 27 16.16 -9.55 -0.53
C ALA B 27 16.38 -11.03 -0.65
N GLN B 28 17.63 -11.39 -0.41
CA GLN B 28 18.22 -12.72 -0.44
C GLN B 28 17.93 -13.46 0.90
N ASN B 29 17.57 -12.71 1.97
CA ASN B 29 17.32 -13.27 3.30
C ASN B 29 15.98 -13.99 3.44
N VAL B 30 16.05 -15.15 4.10
CA VAL B 30 14.91 -15.99 4.43
C VAL B 30 14.67 -15.96 5.95
N LEU B 31 15.73 -16.28 6.72
CA LEU B 31 15.67 -16.35 8.17
C LEU B 31 15.57 -15.00 8.88
N LEU B 32 14.68 -14.92 9.91
CA LEU B 32 14.46 -13.71 10.72
C LEU B 32 15.61 -13.46 11.70
N ILE B 33 16.76 -13.04 11.16
CA ILE B 33 17.94 -12.67 11.95
C ILE B 33 18.03 -11.15 11.85
N ASP B 34 18.10 -10.43 13.00
CA ASP B 34 18.14 -8.97 12.97
C ASP B 34 19.42 -8.53 12.28
N GLY B 35 19.32 -7.52 11.42
CA GLY B 35 20.48 -7.03 10.68
C GLY B 35 20.21 -6.50 9.29
N PRO B 36 21.27 -6.08 8.54
CA PRO B 36 21.03 -5.54 7.20
C PRO B 36 20.76 -6.62 6.20
N LEU B 37 19.75 -6.35 5.39
CA LEU B 37 19.33 -7.24 4.31
C LEU B 37 20.32 -7.17 3.15
N SER B 38 20.50 -8.33 2.50
CA SER B 38 21.38 -8.52 1.37
C SER B 38 20.45 -8.67 0.19
N TRP B 39 20.69 -7.92 -0.88
CA TRP B 39 19.78 -7.83 -2.02
C TRP B 39 20.32 -8.46 -3.26
N TYR B 40 19.44 -8.67 -4.24
CA TYR B 40 19.79 -9.09 -5.60
C TYR B 40 18.83 -8.35 -6.55
N SER B 41 19.34 -7.89 -7.71
CA SER B 41 18.53 -7.15 -8.68
C SER B 41 17.36 -8.02 -9.12
N ASP B 42 16.11 -7.48 -9.04
CA ASP B 42 14.90 -8.22 -9.43
C ASP B 42 15.10 -8.83 -10.81
N PRO B 43 15.15 -10.19 -10.85
CA PRO B 43 15.36 -10.90 -12.12
C PRO B 43 14.34 -10.60 -13.22
N GLY B 44 13.12 -10.24 -12.81
CA GLY B 44 12.02 -9.87 -13.68
C GLY B 44 12.30 -8.61 -14.48
N LEU B 45 13.23 -7.80 -14.02
CA LEU B 45 13.59 -6.58 -14.73
C LEU B 45 14.88 -6.75 -15.56
N ALA B 46 15.00 -7.94 -16.22
CA ALA B 46 16.12 -8.38 -17.07
C ALA B 46 16.56 -7.35 -18.12
N GLY B 47 15.67 -7.00 -19.05
CA GLY B 47 15.91 -5.99 -20.09
C GLY B 47 15.95 -4.57 -19.52
N VAL B 48 17.19 -4.06 -19.31
CA VAL B 48 17.50 -2.72 -18.76
C VAL B 48 18.68 -2.07 -19.49
N LEU B 54 22.18 3.53 -10.85
CA LEU B 54 21.69 3.07 -9.55
C LEU B 54 22.22 1.68 -9.17
N SER B 55 23.50 1.61 -8.73
CA SER B 55 24.24 0.40 -8.38
C SER B 55 24.01 -0.13 -6.95
N TYR B 56 24.16 -1.45 -6.75
CA TYR B 56 24.08 -2.10 -5.43
C TYR B 56 25.48 -2.61 -5.07
N LYS B 57 26.03 -2.15 -3.94
CA LYS B 57 27.34 -2.58 -3.49
C LYS B 57 27.23 -3.71 -2.44
N GLU B 58 27.43 -4.95 -2.93
CA GLU B 58 27.37 -6.25 -2.23
C GLU B 58 28.14 -6.34 -0.89
N ASP B 59 29.33 -5.74 -0.80
CA ASP B 59 30.15 -5.80 0.41
C ASP B 59 29.52 -5.00 1.55
N THR B 60 29.23 -3.74 1.28
CA THR B 60 28.63 -2.82 2.24
C THR B 60 27.11 -3.03 2.41
N LYS B 61 26.47 -3.84 1.51
CA LYS B 61 25.04 -4.18 1.52
C LYS B 61 24.11 -2.95 1.31
N GLU B 62 24.60 -1.95 0.53
CA GLU B 62 23.86 -0.71 0.24
C GLU B 62 23.54 -0.49 -1.26
N LEU B 63 22.42 0.16 -1.56
CA LEU B 63 22.13 0.56 -2.94
C LEU B 63 22.56 2.04 -2.98
N VAL B 64 23.47 2.38 -3.90
CA VAL B 64 23.94 3.76 -4.04
C VAL B 64 23.15 4.53 -5.14
N VAL B 65 22.57 5.68 -4.77
CA VAL B 65 21.78 6.50 -5.71
C VAL B 65 22.74 7.20 -6.68
N ALA B 66 22.58 6.91 -7.99
CA ALA B 66 23.46 7.46 -9.04
C ALA B 66 23.34 8.99 -9.19
N LYS B 67 22.16 9.48 -9.67
CA LYS B 67 21.86 10.90 -9.86
C LYS B 67 20.84 11.39 -8.83
N ALA B 68 21.02 12.63 -8.37
CA ALA B 68 20.17 13.27 -7.36
C ALA B 68 18.79 13.63 -7.92
N GLY B 69 17.79 13.41 -7.09
CA GLY B 69 16.42 13.74 -7.42
C GLY B 69 15.48 13.34 -6.32
N VAL B 70 14.18 13.44 -6.61
CA VAL B 70 13.09 13.03 -5.74
C VAL B 70 12.63 11.72 -6.36
N TYR B 71 12.63 10.69 -5.53
CA TYR B 71 12.28 9.35 -5.94
C TYR B 71 11.09 8.87 -5.16
N TYR B 72 10.18 8.10 -5.78
CA TYR B 72 9.10 7.48 -5.01
C TYR B 72 9.70 6.15 -4.67
N VAL B 73 10.06 5.98 -3.39
CA VAL B 73 10.72 4.81 -2.85
C VAL B 73 9.69 4.01 -2.09
N PHE B 74 9.61 2.72 -2.38
CA PHE B 74 8.67 1.80 -1.76
C PHE B 74 9.35 0.48 -1.40
N PHE B 75 8.83 -0.19 -0.35
CA PHE B 75 9.30 -1.52 0.00
C PHE B 75 8.18 -2.31 0.57
N GLN B 76 8.28 -3.63 0.46
CA GLN B 76 7.27 -4.57 0.90
C GLN B 76 7.93 -5.83 1.40
N LEU B 77 7.24 -6.58 2.28
CA LEU B 77 7.71 -7.87 2.77
C LEU B 77 6.56 -8.79 3.10
N GLU B 78 6.73 -10.08 2.78
CA GLU B 78 5.74 -11.11 3.10
C GLU B 78 6.41 -12.07 4.07
N LEU B 79 5.68 -12.50 5.08
CA LEU B 79 6.18 -13.48 6.02
C LEU B 79 5.31 -14.72 5.96
N ARG B 80 5.86 -15.82 6.43
CA ARG B 80 5.19 -17.10 6.35
C ARG B 80 5.50 -17.88 7.61
N ARG B 81 4.53 -18.67 8.09
CA ARG B 81 4.77 -19.53 9.23
C ARG B 81 5.27 -20.86 8.66
N VAL B 82 6.41 -21.31 9.14
CA VAL B 82 7.03 -22.55 8.73
C VAL B 82 6.78 -23.61 9.80
N VAL B 83 6.94 -23.23 11.09
CA VAL B 83 6.69 -24.12 12.22
C VAL B 83 5.22 -23.94 12.65
N ALA B 84 4.41 -24.95 12.36
CA ALA B 84 2.99 -24.93 12.67
C ALA B 84 2.77 -24.85 14.16
N GLY B 85 1.82 -24.02 14.58
CA GLY B 85 1.44 -23.82 15.98
C GLY B 85 2.41 -23.05 16.84
N GLU B 86 3.40 -22.37 16.22
CA GLU B 86 4.44 -21.60 16.91
C GLU B 86 4.68 -20.21 16.31
N GLY B 87 5.27 -19.33 17.13
CA GLY B 87 5.68 -18.01 16.70
C GLY B 87 4.60 -16.98 16.80
N SER B 88 5.00 -15.78 17.24
CA SER B 88 4.20 -14.58 17.43
C SER B 88 5.21 -13.46 17.65
N GLY B 89 4.79 -12.22 17.37
CA GLY B 89 5.64 -11.05 17.56
C GLY B 89 5.55 -10.11 16.39
N SER B 90 6.55 -9.25 16.20
CA SER B 90 6.55 -8.35 15.05
C SER B 90 7.89 -8.37 14.30
N VAL B 91 7.86 -7.88 13.06
CA VAL B 91 9.04 -7.80 12.23
C VAL B 91 9.05 -6.38 11.65
N SER B 92 10.23 -5.73 11.62
CA SER B 92 10.40 -4.37 11.17
C SER B 92 11.41 -4.21 10.02
N LEU B 93 11.05 -3.41 9.04
CA LEU B 93 11.93 -3.10 7.93
C LEU B 93 12.27 -1.62 8.07
N ALA B 94 13.53 -1.25 7.88
CA ALA B 94 13.87 0.16 8.02
C ALA B 94 14.91 0.56 7.00
N LEU B 95 14.55 1.51 6.13
CA LEU B 95 15.45 2.05 5.13
C LEU B 95 16.22 3.14 5.83
N HIS B 96 17.56 3.09 5.76
CA HIS B 96 18.45 4.05 6.39
C HIS B 96 19.34 4.69 5.36
N LEU B 97 19.63 5.98 5.55
CA LEU B 97 20.50 6.67 4.63
C LEU B 97 21.91 6.79 5.24
N GLN B 98 22.76 5.77 4.94
CA GLN B 98 24.13 5.54 5.43
C GLN B 98 25.07 6.79 5.39
N PRO B 99 25.02 7.73 4.39
CA PRO B 99 25.87 8.94 4.49
C PRO B 99 25.27 10.00 5.42
N ALA B 106 15.79 7.39 13.64
CA ALA B 106 15.49 8.18 12.45
C ALA B 106 15.65 7.28 11.21
N ALA B 107 14.53 7.01 10.49
CA ALA B 107 14.52 6.16 9.28
C ALA B 107 13.67 6.76 8.18
N ALA B 108 14.17 6.72 6.94
CA ALA B 108 13.48 7.24 5.75
C ALA B 108 12.13 6.54 5.55
N LEU B 109 12.17 5.21 5.61
CA LEU B 109 11.04 4.29 5.48
C LEU B 109 11.10 3.30 6.63
N ALA B 110 9.91 2.90 7.10
CA ALA B 110 9.73 1.97 8.20
C ALA B 110 8.40 1.28 8.11
N LEU B 111 8.49 -0.05 8.15
CA LEU B 111 7.39 -0.99 8.16
C LEU B 111 7.50 -1.83 9.43
N THR B 112 6.34 -2.27 9.96
CA THR B 112 6.22 -3.19 11.10
C THR B 112 5.02 -4.07 10.82
N VAL B 113 5.30 -5.34 10.54
CA VAL B 113 4.33 -6.39 10.25
C VAL B 113 4.13 -7.23 11.51
N ASP B 114 2.87 -7.44 11.85
CA ASP B 114 2.54 -8.22 13.01
C ASP B 114 2.45 -9.69 12.61
N LEU B 115 3.06 -10.55 13.39
CA LEU B 115 3.02 -12.00 13.22
C LEU B 115 2.00 -12.54 14.23
N PRO B 116 0.79 -12.88 13.75
CA PRO B 116 -0.25 -13.37 14.66
C PRO B 116 0.14 -14.67 15.35
N PRO B 117 -0.30 -14.86 16.60
CA PRO B 117 -0.01 -16.14 17.29
C PRO B 117 -0.85 -17.29 16.69
N ALA B 118 -0.44 -18.51 16.98
CA ALA B 118 -1.10 -19.68 16.41
C ALA B 118 -2.40 -20.04 17.09
N SER B 119 -3.43 -20.29 16.27
CA SER B 119 -4.78 -20.66 16.70
C SER B 119 -5.48 -21.46 15.60
N SER B 120 -6.76 -21.89 15.88
CA SER B 120 -7.65 -22.64 14.97
C SER B 120 -7.73 -21.87 13.64
N GLU B 121 -7.59 -20.54 13.74
CA GLU B 121 -7.52 -19.58 12.66
C GLU B 121 -6.10 -19.72 12.08
N ALA B 122 -5.99 -20.49 10.97
CA ALA B 122 -4.75 -20.74 10.22
C ALA B 122 -4.28 -19.41 9.50
N ARG B 123 -3.84 -18.42 10.32
CA ARG B 123 -3.32 -17.11 9.87
C ARG B 123 -1.83 -17.36 9.77
N ASN B 124 -1.42 -17.95 8.64
CA ASN B 124 -0.07 -18.43 8.40
C ASN B 124 0.84 -17.53 7.57
N SER B 125 0.34 -16.43 7.03
CA SER B 125 1.22 -15.50 6.32
C SER B 125 0.91 -14.08 6.79
N ALA B 126 1.83 -13.14 6.55
CA ALA B 126 1.66 -11.74 6.91
C ALA B 126 2.28 -10.87 5.83
N PHE B 127 1.75 -9.65 5.63
CA PHE B 127 2.27 -8.78 4.58
C PHE B 127 2.26 -7.31 4.94
N GLY B 128 3.24 -6.61 4.45
CA GLY B 128 3.35 -5.18 4.64
C GLY B 128 3.84 -4.43 3.42
N PHE B 129 3.39 -3.19 3.28
CA PHE B 129 3.82 -2.33 2.20
C PHE B 129 3.81 -0.89 2.68
N GLN B 130 4.87 -0.15 2.29
CA GLN B 130 4.96 1.28 2.47
C GLN B 130 5.80 1.89 1.40
N GLY B 131 5.31 2.98 0.82
CA GLY B 131 6.04 3.77 -0.16
C GLY B 131 5.90 5.24 0.18
N ARG B 132 6.92 6.06 -0.12
CA ARG B 132 6.81 7.53 0.06
C ARG B 132 7.87 8.30 -0.78
N LEU B 133 7.62 9.57 -1.13
CA LEU B 133 8.54 10.38 -1.93
C LEU B 133 9.73 10.82 -1.10
N LEU B 134 10.93 10.38 -1.48
CA LEU B 134 12.17 10.67 -0.77
C LEU B 134 13.11 11.50 -1.60
N HIS B 135 13.69 12.56 -0.99
CA HIS B 135 14.70 13.35 -1.68
C HIS B 135 16.06 12.65 -1.48
N LEU B 136 16.63 12.09 -2.56
CA LEU B 136 17.89 11.35 -2.47
C LEU B 136 19.01 12.12 -3.13
N SER B 137 20.07 12.38 -2.37
CA SER B 137 21.21 13.12 -2.88
C SER B 137 22.09 12.25 -3.75
N ALA B 138 22.80 12.87 -4.71
CA ALA B 138 23.71 12.20 -5.64
C ALA B 138 24.75 11.43 -4.82
N GLY B 139 24.74 10.10 -4.95
CA GLY B 139 25.65 9.21 -4.24
C GLY B 139 25.20 8.74 -2.86
N GLN B 140 23.92 8.99 -2.51
CA GLN B 140 23.37 8.60 -1.20
C GLN B 140 23.26 7.10 -1.09
N ARG B 141 23.90 6.54 -0.06
CA ARG B 141 23.87 5.11 0.21
C ARG B 141 22.55 4.73 0.94
N LEU B 142 21.98 3.56 0.60
CA LEU B 142 20.74 3.05 1.19
C LEU B 142 20.87 1.62 1.72
N GLY B 143 20.51 1.44 2.99
CA GLY B 143 20.55 0.14 3.65
C GLY B 143 19.22 -0.20 4.28
N VAL B 144 18.79 -1.46 4.15
CA VAL B 144 17.54 -1.91 4.76
C VAL B 144 17.89 -2.85 5.91
N HIS B 145 17.27 -2.61 7.07
CA HIS B 145 17.52 -3.33 8.30
C HIS B 145 16.31 -4.06 8.80
N LEU B 146 16.52 -5.33 9.18
CA LEU B 146 15.51 -6.24 9.67
C LEU B 146 15.56 -6.29 11.18
N HIS B 147 14.42 -6.08 11.82
CA HIS B 147 14.36 -6.11 13.25
C HIS B 147 13.23 -6.95 13.73
N THR B 148 13.57 -8.00 14.45
CA THR B 148 12.59 -8.94 14.92
C THR B 148 12.47 -8.86 16.41
N GLU B 149 11.27 -8.61 16.87
CA GLU B 149 10.97 -8.63 18.28
C GLU B 149 9.90 -9.70 18.41
N ALA B 150 10.35 -10.98 18.36
CA ALA B 150 9.47 -12.14 18.36
C ALA B 150 9.93 -13.36 19.18
N ARG B 151 8.93 -14.06 19.74
CA ARG B 151 9.04 -15.31 20.48
C ARG B 151 8.94 -16.39 19.41
N ALA B 152 9.78 -17.46 19.50
CA ALA B 152 9.89 -18.57 18.52
C ALA B 152 10.06 -18.02 17.08
N ARG B 153 11.08 -17.14 16.90
CA ARG B 153 11.46 -16.46 15.66
C ARG B 153 11.59 -17.39 14.50
N HIS B 154 12.19 -18.56 14.73
CA HIS B 154 12.44 -19.58 13.72
C HIS B 154 11.21 -20.09 12.98
N ALA B 155 10.02 -19.94 13.63
CA ALA B 155 8.68 -20.32 13.17
C ALA B 155 8.09 -19.46 12.07
N TRP B 156 8.63 -18.26 11.87
CA TRP B 156 8.20 -17.32 10.83
C TRP B 156 9.42 -16.98 9.98
N GLN B 157 9.27 -16.90 8.66
CA GLN B 157 10.39 -16.54 7.76
C GLN B 157 9.93 -15.63 6.63
N LEU B 158 10.88 -14.98 5.94
CA LEU B 158 10.52 -14.09 4.85
C LEU B 158 10.32 -14.88 3.59
N THR B 159 9.10 -14.84 3.04
CA THR B 159 8.74 -15.54 1.81
C THR B 159 9.68 -15.14 0.70
N GLN B 160 10.62 -16.04 0.41
CA GLN B 160 11.69 -15.90 -0.56
C GLN B 160 11.16 -15.38 -1.89
N GLY B 161 11.48 -14.11 -2.17
CA GLY B 161 11.15 -13.45 -3.43
C GLY B 161 10.09 -12.38 -3.31
N ALA B 162 9.64 -12.10 -2.08
CA ALA B 162 8.60 -11.13 -1.80
C ALA B 162 9.09 -9.93 -0.99
N THR B 163 10.34 -9.93 -0.53
CA THR B 163 10.90 -8.77 0.16
C THR B 163 11.56 -7.90 -0.90
N VAL B 164 10.81 -6.91 -1.39
CA VAL B 164 11.21 -6.06 -2.48
C VAL B 164 11.41 -4.61 -2.07
N LEU B 165 12.48 -3.99 -2.57
CA LEU B 165 12.73 -2.57 -2.43
C LEU B 165 12.79 -2.01 -3.85
N GLY B 166 11.98 -1.02 -4.14
CA GLY B 166 11.97 -0.43 -5.46
C GLY B 166 11.90 1.07 -5.38
N LEU B 167 12.39 1.75 -6.42
CA LEU B 167 12.34 3.21 -6.50
C LEU B 167 12.36 3.66 -7.94
N PHE B 168 11.89 4.89 -8.21
CA PHE B 168 11.91 5.49 -9.53
C PHE B 168 11.86 6.99 -9.35
N ARG B 169 12.50 7.75 -10.25
CA ARG B 169 12.63 9.20 -10.12
C ARG B 169 11.42 9.94 -10.63
N VAL B 170 11.25 11.18 -10.17
CA VAL B 170 10.17 12.03 -10.63
C VAL B 170 10.70 13.48 -11.00
N THR B 171 12.01 13.62 -11.34
CA THR B 171 12.64 14.91 -11.66
C THR B 171 13.58 14.85 -12.89
N MET C 22 6.35 17.83 -11.71
CA MET C 22 5.68 18.31 -10.50
C MET C 22 5.14 17.18 -9.59
N PHE C 23 5.57 17.20 -8.32
CA PHE C 23 5.19 16.29 -7.24
C PHE C 23 4.78 17.13 -6.00
N ALA C 24 4.46 16.44 -4.90
CA ALA C 24 4.02 17.03 -3.64
C ALA C 24 4.02 15.97 -2.55
N GLN C 25 4.47 16.33 -1.35
CA GLN C 25 4.39 15.42 -0.19
C GLN C 25 4.14 16.27 1.04
N LEU C 26 3.03 15.96 1.74
CA LEU C 26 2.58 16.71 2.91
C LEU C 26 2.42 15.81 4.11
N VAL C 27 2.73 16.33 5.31
CA VAL C 27 2.65 15.60 6.57
C VAL C 27 1.60 16.26 7.45
N ALA C 28 0.71 15.49 8.12
CA ALA C 28 -0.32 16.13 8.95
C ALA C 28 0.24 16.48 10.31
N GLN C 29 -0.21 17.63 10.85
CA GLN C 29 0.19 18.15 12.15
C GLN C 29 -0.60 17.50 13.28
N ASN C 30 -1.75 16.95 12.92
CA ASN C 30 -2.68 16.29 13.82
C ASN C 30 -2.12 15.11 14.61
N VAL C 31 -2.44 15.10 15.91
CA VAL C 31 -2.02 14.01 16.78
C VAL C 31 -3.25 13.42 17.37
N LEU C 32 -4.15 14.25 17.89
CA LEU C 32 -5.40 13.81 18.51
C LEU C 32 -6.40 13.13 17.56
N LEU C 33 -7.11 12.11 18.07
CA LEU C 33 -8.11 11.46 17.23
C LEU C 33 -9.45 12.21 17.36
N ILE C 34 -9.60 13.24 16.51
CA ILE C 34 -10.78 14.09 16.45
C ILE C 34 -11.27 14.13 15.02
N ASP C 35 -12.53 13.69 14.84
CA ASP C 35 -13.28 13.70 13.58
C ASP C 35 -13.22 15.10 13.01
N GLY C 36 -12.80 15.21 11.75
CA GLY C 36 -12.63 16.47 11.05
C GLY C 36 -11.43 16.54 10.12
N PRO C 37 -11.25 17.68 9.40
CA PRO C 37 -10.16 17.78 8.45
C PRO C 37 -8.76 17.94 9.03
N LEU C 38 -7.85 17.18 8.44
CA LEU C 38 -6.45 17.27 8.81
C LEU C 38 -5.89 18.58 8.30
N SER C 39 -4.92 19.07 9.08
CA SER C 39 -4.17 20.30 8.93
C SER C 39 -2.74 19.85 8.59
N TRP C 40 -2.29 20.16 7.36
CA TRP C 40 -1.03 19.74 6.73
C TRP C 40 0.12 20.72 6.82
N TYR C 41 1.32 20.22 6.51
CA TYR C 41 2.59 20.95 6.40
C TYR C 41 3.45 20.25 5.35
N SER C 42 4.24 21.01 4.59
CA SER C 42 5.04 20.36 3.56
C SER C 42 6.17 19.58 4.19
N ASP C 43 6.42 18.35 3.68
CA ASP C 43 7.47 17.47 4.18
C ASP C 43 8.82 18.20 4.32
N PRO C 44 9.29 18.36 5.59
CA PRO C 44 10.61 18.98 5.82
C PRO C 44 11.73 18.26 5.05
N GLY C 45 11.52 16.96 4.82
CA GLY C 45 12.43 16.11 4.07
C GLY C 45 12.66 16.56 2.64
N LEU C 46 11.65 17.26 2.09
CA LEU C 46 11.69 17.81 0.73
C LEU C 46 11.96 19.36 0.77
N ALA C 47 13.04 19.73 1.47
CA ALA C 47 13.52 21.10 1.64
C ALA C 47 13.82 21.78 0.27
N GLY C 48 14.46 21.04 -0.66
CA GLY C 48 14.79 21.48 -2.02
C GLY C 48 13.68 21.17 -3.02
N VAL C 49 12.94 22.23 -3.47
CA VAL C 49 11.80 22.19 -4.42
C VAL C 49 12.09 22.98 -5.72
N LEU C 55 1.34 24.14 -6.37
CA LEU C 55 0.86 22.94 -5.67
C LEU C 55 0.82 23.12 -4.12
N SER C 56 0.27 24.30 -3.69
CA SER C 56 0.16 24.86 -2.34
C SER C 56 -0.90 24.27 -1.39
N TYR C 57 -0.82 24.67 -0.10
CA TYR C 57 -1.75 24.31 0.98
C TYR C 57 -2.42 25.60 1.52
N LYS C 58 -3.73 25.65 1.36
CA LYS C 58 -4.61 26.73 1.78
C LYS C 58 -4.99 26.43 3.23
N GLU C 59 -4.28 27.02 4.20
CA GLU C 59 -4.52 26.76 5.63
C GLU C 59 -5.86 27.28 6.17
N ASP C 60 -6.51 28.25 5.50
CA ASP C 60 -7.79 28.76 5.98
C ASP C 60 -8.94 27.74 5.83
N THR C 61 -8.81 26.79 4.87
CA THR C 61 -9.82 25.77 4.59
C THR C 61 -9.28 24.32 4.71
N LYS C 62 -7.98 24.18 5.03
CA LYS C 62 -7.26 22.90 5.19
C LYS C 62 -7.34 22.11 3.87
N GLU C 63 -6.83 22.72 2.78
CA GLU C 63 -6.91 22.12 1.45
C GLU C 63 -5.62 22.21 0.69
N LEU C 64 -5.24 21.14 0.02
CA LEU C 64 -4.09 21.18 -0.88
C LEU C 64 -4.70 21.61 -2.25
N VAL C 65 -4.19 22.67 -2.89
CA VAL C 65 -4.74 23.08 -4.19
C VAL C 65 -3.77 22.66 -5.31
N VAL C 66 -4.26 21.80 -6.23
CA VAL C 66 -3.52 21.22 -7.36
C VAL C 66 -3.20 22.30 -8.38
N ALA C 67 -1.89 22.56 -8.58
CA ALA C 67 -1.40 23.58 -9.50
C ALA C 67 -1.76 23.31 -10.97
N LYS C 68 -1.31 22.15 -11.54
CA LYS C 68 -1.59 21.87 -12.94
C LYS C 68 -2.44 20.62 -13.17
N ALA C 69 -3.21 20.62 -14.27
CA ALA C 69 -4.09 19.51 -14.63
C ALA C 69 -3.31 18.32 -15.14
N GLY C 70 -3.62 17.13 -14.62
CA GLY C 70 -3.00 15.88 -15.03
C GLY C 70 -3.57 14.65 -14.37
N VAL C 71 -2.89 13.51 -14.59
CA VAL C 71 -3.20 12.23 -13.98
C VAL C 71 -2.08 11.99 -12.99
N TYR C 72 -2.45 11.93 -11.74
CA TYR C 72 -1.50 11.80 -10.65
C TYR C 72 -1.61 10.48 -9.95
N TYR C 73 -0.48 9.97 -9.46
CA TYR C 73 -0.53 8.82 -8.61
C TYR C 73 -0.52 9.43 -7.23
N VAL C 74 -1.68 9.36 -6.57
CA VAL C 74 -1.92 9.93 -5.26
C VAL C 74 -1.98 8.84 -4.22
N PHE C 75 -1.24 9.04 -3.13
CA PHE C 75 -1.21 8.09 -2.04
C PHE C 75 -1.24 8.78 -0.69
N PHE C 76 -1.70 8.05 0.31
CA PHE C 76 -1.69 8.51 1.69
C PHE C 76 -1.49 7.33 2.61
N GLN C 77 -0.97 7.62 3.79
CA GLN C 77 -0.65 6.61 4.78
C GLN C 77 -0.92 7.24 6.14
N LEU C 78 -1.17 6.38 7.11
CA LEU C 78 -1.60 6.72 8.45
C LEU C 78 -0.91 5.74 9.40
N GLU C 79 -0.44 6.22 10.56
CA GLU C 79 0.22 5.42 11.58
C GLU C 79 -0.27 5.83 12.95
N LEU C 80 -0.67 4.86 13.75
CA LEU C 80 -1.25 5.16 15.04
C LEU C 80 -0.40 4.64 16.18
N ARG C 81 -0.47 5.32 17.32
CA ARG C 81 0.34 4.92 18.46
C ARG C 81 -0.51 4.82 19.70
N ARG C 82 -0.38 3.72 20.46
CA ARG C 82 -1.12 3.62 21.71
C ARG C 82 -0.39 4.53 22.71
N VAL C 83 -1.10 5.56 23.18
CA VAL C 83 -0.56 6.53 24.13
C VAL C 83 -1.01 6.23 25.58
N VAL C 84 -2.13 5.47 25.76
CA VAL C 84 -2.62 5.04 27.07
C VAL C 84 -2.73 3.52 27.02
N ALA C 85 -1.90 2.82 27.85
CA ALA C 85 -1.86 1.35 27.87
C ALA C 85 -3.17 0.77 28.36
N GLY C 86 -3.57 -0.36 27.81
CA GLY C 86 -4.82 -0.98 28.23
C GLY C 86 -6.04 -0.58 27.45
N GLU C 87 -6.22 0.73 27.18
CA GLU C 87 -7.40 1.20 26.43
C GLU C 87 -7.17 1.32 24.89
N GLY C 88 -8.29 1.38 24.15
CA GLY C 88 -8.29 1.55 22.72
C GLY C 88 -8.76 0.37 21.90
N SER C 89 -10.03 0.41 21.49
CA SER C 89 -10.68 -0.57 20.62
C SER C 89 -11.48 0.23 19.61
N GLY C 90 -11.32 -0.06 18.34
CA GLY C 90 -12.07 0.63 17.29
C GLY C 90 -11.35 0.69 15.97
N SER C 91 -11.66 1.73 15.16
CA SER C 91 -11.03 1.97 13.86
C SER C 91 -10.92 3.47 13.54
N VAL C 92 -9.89 3.84 12.77
CA VAL C 92 -9.63 5.23 12.35
C VAL C 92 -9.59 5.24 10.87
N SER C 93 -10.43 6.11 10.23
CA SER C 93 -10.53 6.27 8.78
C SER C 93 -10.04 7.61 8.26
N LEU C 94 -9.35 7.60 7.08
CA LEU C 94 -8.91 8.77 6.32
C LEU C 94 -9.70 8.87 5.01
N ALA C 95 -10.14 10.06 4.60
CA ALA C 95 -10.90 10.21 3.35
C ALA C 95 -10.51 11.45 2.58
N LEU C 96 -10.01 11.23 1.35
CA LEU C 96 -9.59 12.31 0.46
C LEU C 96 -10.74 12.67 -0.41
N HIS C 97 -11.28 13.86 -0.22
CA HIS C 97 -12.38 14.37 -1.02
C HIS C 97 -11.87 15.48 -1.91
N LEU C 98 -12.44 15.59 -3.11
CA LEU C 98 -12.11 16.70 -4.00
C LEU C 98 -13.17 17.72 -3.69
N GLN C 99 -12.79 19.00 -3.61
CA GLN C 99 -13.71 20.08 -3.26
C GLN C 99 -13.70 21.24 -4.24
N PRO C 100 -14.86 21.93 -4.42
CA PRO C 100 -16.19 21.58 -3.89
C PRO C 100 -16.67 20.25 -4.50
N LEU C 101 -17.51 19.52 -3.75
CA LEU C 101 -17.99 18.17 -4.08
C LEU C 101 -18.68 18.12 -5.45
N ARG C 102 -18.11 17.31 -6.36
CA ARG C 102 -18.56 17.18 -7.74
C ARG C 102 -19.39 15.92 -7.99
N SER C 103 -20.73 16.13 -7.95
CA SER C 103 -21.85 15.19 -8.16
C SER C 103 -21.55 13.75 -7.62
N ALA C 104 -21.98 12.70 -8.35
CA ALA C 104 -21.83 11.28 -8.01
C ALA C 104 -22.64 10.93 -6.73
N ALA C 105 -22.01 10.19 -5.81
CA ALA C 105 -22.58 9.75 -4.54
C ALA C 105 -21.63 10.19 -3.44
N GLY C 106 -20.81 11.18 -3.76
CA GLY C 106 -19.83 11.77 -2.84
C GLY C 106 -18.91 10.80 -2.12
N ALA C 107 -18.48 9.74 -2.85
CA ALA C 107 -17.53 8.76 -2.32
C ALA C 107 -16.19 9.43 -2.37
N ALA C 108 -15.32 9.14 -1.42
CA ALA C 108 -14.01 9.79 -1.39
C ALA C 108 -13.14 9.25 -2.49
N ALA C 109 -12.25 10.10 -2.98
CA ALA C 109 -11.24 9.80 -4.02
C ALA C 109 -10.26 8.74 -3.55
N LEU C 110 -9.97 8.72 -2.24
CA LEU C 110 -9.10 7.78 -1.55
C LEU C 110 -9.67 7.59 -0.13
N ALA C 111 -9.61 6.36 0.41
CA ALA C 111 -10.06 6.05 1.77
C ALA C 111 -9.30 4.91 2.41
N LEU C 112 -8.66 5.22 3.56
CA LEU C 112 -7.95 4.29 4.41
C LEU C 112 -8.77 4.07 5.67
N THR C 113 -8.84 2.83 6.15
CA THR C 113 -9.51 2.51 7.41
C THR C 113 -8.52 1.67 8.17
N VAL C 114 -7.99 2.16 9.29
CA VAL C 114 -6.99 1.45 10.08
C VAL C 114 -7.60 0.98 11.38
N ASP C 115 -7.54 -0.34 11.60
CA ASP C 115 -8.09 -0.93 12.80
C ASP C 115 -7.13 -0.79 13.97
N LEU C 116 -7.70 -0.49 15.14
CA LEU C 116 -6.99 -0.32 16.40
C LEU C 116 -7.01 -1.66 17.14
N PRO C 117 -5.86 -2.32 17.34
CA PRO C 117 -5.86 -3.59 18.08
C PRO C 117 -6.31 -3.42 19.54
N PRO C 118 -6.91 -4.43 20.20
CA PRO C 118 -7.29 -4.22 21.61
C PRO C 118 -6.07 -4.48 22.49
N ALA C 119 -5.93 -3.76 23.62
CA ALA C 119 -4.78 -4.02 24.47
C ALA C 119 -4.99 -5.33 25.28
N SER C 120 -4.45 -6.41 24.69
CA SER C 120 -4.53 -7.79 25.17
C SER C 120 -3.10 -8.36 25.32
N SER C 121 -3.00 -9.69 25.68
CA SER C 121 -1.77 -10.50 25.90
C SER C 121 -0.63 -10.10 24.93
N GLU C 122 -0.87 -10.27 23.61
CA GLU C 122 0.05 -9.87 22.54
C GLU C 122 -0.23 -8.37 22.29
N ALA C 123 0.32 -7.51 23.17
CA ALA C 123 0.13 -6.06 23.08
C ALA C 123 0.84 -5.51 21.85
N ARG C 124 0.06 -4.90 20.95
CA ARG C 124 0.55 -4.25 19.74
C ARG C 124 0.22 -2.77 19.95
N ASN C 125 1.26 -1.92 20.10
CA ASN C 125 1.05 -0.51 20.42
C ASN C 125 1.09 0.45 19.19
N SER C 126 0.90 -0.09 17.97
CA SER C 126 0.82 0.71 16.74
C SER C 126 -0.08 0.07 15.67
N ALA C 127 -0.45 0.87 14.67
CA ALA C 127 -1.28 0.44 13.53
C ALA C 127 -0.88 1.28 12.32
N PHE C 128 -0.83 0.66 11.15
CA PHE C 128 -0.48 1.35 9.93
C PHE C 128 -1.43 1.03 8.77
N GLY C 129 -1.50 1.97 7.84
CA GLY C 129 -2.28 1.81 6.66
C GLY C 129 -1.70 2.66 5.57
N PHE C 130 -1.69 2.11 4.36
CA PHE C 130 -1.25 2.78 3.14
C PHE C 130 -2.25 2.46 2.05
N GLN C 131 -2.51 3.42 1.17
CA GLN C 131 -3.37 3.29 0.01
C GLN C 131 -3.03 4.40 -0.99
N GLY C 132 -2.91 4.01 -2.24
CA GLY C 132 -2.63 4.89 -3.36
C GLY C 132 -3.33 4.47 -4.64
N ARG C 133 -3.57 5.43 -5.52
CA ARG C 133 -4.21 5.19 -6.81
C ARG C 133 -4.15 6.41 -7.71
N LEU C 134 -4.40 6.21 -9.03
CA LEU C 134 -4.35 7.27 -10.04
C LEU C 134 -5.59 8.12 -9.99
N LEU C 135 -5.41 9.44 -9.88
CA LEU C 135 -6.51 10.39 -9.83
C LEU C 135 -6.41 11.37 -10.95
N HIS C 136 -7.55 11.78 -11.51
CA HIS C 136 -7.46 12.83 -12.50
C HIS C 136 -7.75 14.09 -11.73
N LEU C 137 -6.76 15.00 -11.69
CA LEU C 137 -6.91 16.27 -10.99
C LEU C 137 -6.92 17.40 -11.97
N SER C 138 -7.92 18.28 -11.86
CA SER C 138 -8.05 19.46 -12.72
C SER C 138 -7.18 20.60 -12.19
N ALA C 139 -6.87 21.55 -13.08
CA ALA C 139 -6.09 22.75 -12.75
C ALA C 139 -6.88 23.55 -11.71
N GLY C 140 -6.32 23.68 -10.52
CA GLY C 140 -6.94 24.41 -9.42
C GLY C 140 -7.75 23.59 -8.45
N GLN C 141 -7.78 22.24 -8.63
CA GLN C 141 -8.55 21.36 -7.76
C GLN C 141 -8.17 21.48 -6.30
N ARG C 142 -9.15 21.72 -5.43
CA ARG C 142 -8.92 21.78 -4.00
C ARG C 142 -9.08 20.34 -3.50
N LEU C 143 -8.24 19.92 -2.52
CA LEU C 143 -8.22 18.56 -1.98
C LEU C 143 -8.24 18.58 -0.47
N GLY C 144 -9.30 18.07 0.13
CA GLY C 144 -9.40 18.03 1.58
C GLY C 144 -9.25 16.62 2.15
N VAL C 145 -8.46 16.46 3.25
CA VAL C 145 -8.32 15.11 3.88
C VAL C 145 -9.06 15.07 5.23
N HIS C 146 -9.96 14.08 5.43
CA HIS C 146 -10.79 14.01 6.62
C HIS C 146 -10.56 12.83 7.49
N LEU C 147 -10.53 13.06 8.81
CA LEU C 147 -10.32 12.00 9.77
C LEU C 147 -11.62 11.65 10.42
N HIS C 148 -11.93 10.37 10.48
CA HIS C 148 -13.13 9.91 11.15
C HIS C 148 -12.73 8.80 12.09
N THR C 149 -13.30 8.75 13.27
CA THR C 149 -12.99 7.74 14.25
C THR C 149 -14.24 7.05 14.72
N GLU C 150 -14.28 5.75 14.48
CA GLU C 150 -15.35 4.90 14.93
C GLU C 150 -14.70 4.08 16.03
N ALA C 151 -14.25 4.76 17.08
CA ALA C 151 -13.56 4.06 18.16
C ALA C 151 -14.02 4.43 19.56
N ARG C 152 -13.70 3.54 20.50
CA ARG C 152 -13.93 3.55 21.94
C ARG C 152 -12.58 3.95 22.53
N ALA C 153 -12.56 4.84 23.54
CA ALA C 153 -11.35 5.34 24.21
C ALA C 153 -10.35 5.92 23.22
N ARG C 154 -10.84 6.77 22.29
CA ARG C 154 -10.06 7.46 21.24
C ARG C 154 -8.86 8.20 21.81
N HIS C 155 -8.95 8.61 23.09
CA HIS C 155 -7.88 9.37 23.78
C HIS C 155 -6.58 8.57 23.99
N ALA C 156 -6.69 7.22 23.98
CA ALA C 156 -5.65 6.25 24.19
C ALA C 156 -4.84 5.93 22.92
N TRP C 157 -5.21 6.54 21.77
CA TRP C 157 -4.45 6.44 20.51
C TRP C 157 -4.30 7.79 19.85
N GLN C 158 -3.17 7.97 19.16
CA GLN C 158 -2.86 9.21 18.48
C GLN C 158 -2.21 8.97 17.14
N LEU C 159 -2.32 9.89 16.22
CA LEU C 159 -1.63 9.76 14.94
C LEU C 159 -0.17 10.01 15.22
N THR C 160 0.73 9.06 14.88
CA THR C 160 2.16 9.21 15.15
C THR C 160 2.75 10.43 14.44
N GLN C 161 3.58 11.21 15.16
CA GLN C 161 4.24 12.41 14.65
C GLN C 161 4.98 12.12 13.34
N GLY C 162 4.59 12.84 12.29
CA GLY C 162 5.19 12.78 10.96
C GLY C 162 5.04 11.49 10.20
N ALA C 163 4.01 10.72 10.56
CA ALA C 163 3.72 9.42 9.96
C ALA C 163 2.48 9.48 9.07
N THR C 164 1.58 10.45 9.29
CA THR C 164 0.40 10.63 8.43
C THR C 164 0.84 11.54 7.28
N VAL C 165 1.07 10.92 6.11
CA VAL C 165 1.56 11.58 4.89
C VAL C 165 0.56 11.48 3.75
N LEU C 166 0.48 12.53 2.92
CA LEU C 166 -0.28 12.57 1.66
C LEU C 166 0.73 12.98 0.57
N GLY C 167 0.92 12.11 -0.39
CA GLY C 167 1.85 12.37 -1.47
C GLY C 167 1.15 12.26 -2.82
N LEU C 168 1.79 12.80 -3.86
CA LEU C 168 1.29 12.78 -5.23
C LEU C 168 2.37 13.19 -6.18
N PHE C 169 2.34 12.62 -7.38
CA PHE C 169 3.25 13.01 -8.45
C PHE C 169 2.52 12.82 -9.79
N ARG C 170 2.78 13.69 -10.77
CA ARG C 170 2.15 13.61 -12.10
C ARG C 170 2.79 12.51 -12.97
N VAL C 171 1.94 11.73 -13.62
CA VAL C 171 2.28 10.61 -14.50
C VAL C 171 2.28 11.08 -16.00
N THR C 172 1.53 12.15 -16.32
CA THR C 172 1.38 12.75 -17.65
C THR C 172 2.42 13.88 -17.92
#